data_6T0G
#
_entry.id   6T0G
#
_cell.length_a   51.540
_cell.length_b   75.110
_cell.length_c   56.590
_cell.angle_alpha   90.000
_cell.angle_beta   106.840
_cell.angle_gamma   90.000
#
_symmetry.space_group_name_H-M   'P 1 21 1'
#
loop_
_entity.id
_entity.type
_entity.pdbx_description
1 polymer 'Methyl-branched lipid omega-hydroxylase'
2 non-polymer 'PROTOPORPHYRIN IX CONTAINING FE'
3 non-polymer '(1S,3Z)-3-[(2E)-2-[(1R,3AR,7AS)-7A-METHYL-1-[(2R)-6-METHYLHEPTAN-2-YL]-2,3,3A,5,6,7-HEXAHYDRO-1H-INDEN-4-YLIDENE]ETHYLI DENE]-4-METHYLIDENE-CYCLOHEXAN-1-OL'
4 non-polymer 'MAGNESIUM ION'
5 non-polymer 'TRIETHYLENE GLYCOL'
6 water water
#
_entity_poly.entity_id   1
_entity_poly.type   'polypeptide(L)'
_entity_poly.pdbx_seq_one_letter_code
;MHHHHHHMGLNTAIATRVNGTPPPEVPIADIELGSLDFWALDDDVRDGAFATLRREAPISFWPTIELPGFVAGNGHWALT
KYDDVFYASRHPDIFSSYPNITINDQTPELAEYFGSMIVLDDPRHQRLRSIVSRAFTPKVVARIEAAVRDRAHRLVSSMI
ANNPDRQADLVSELAGPLPLQIICDMMGIPKADHQRIFHWTNVILGFGDPDLATDFDEFMQVSADIGAYATALAEDRRVN
HHDDLTSSLVEAEVDGERLSSREIASFFILLVVAGNETTRNAITHGVLALSRYPEQRDRWWSDFDGLAPTAVEEIVRWAS
PVVYMRRTLTQDIELRGTKMAAGDKVSLWYCSANRDESKFADPWTFDLARNPNPHLGFGGGGAHFCLGANLARREIRVAF
DELRRQMPDVVATEEPARLLSQFIHGIKTLPVTWS
;
_entity_poly.pdbx_strand_id   A
#
loop_
_chem_comp.id
_chem_comp.type
_chem_comp.name
_chem_comp.formula
HEM non-polymer 'PROTOPORPHYRIN IX CONTAINING FE' 'C34 H32 Fe N4 O4'
MG non-polymer 'MAGNESIUM ION' 'Mg 2'
PGE non-polymer 'TRIETHYLENE GLYCOL' 'C6 H14 O4'
VD3 non-polymer '(1S,3Z)-3-[(2E)-2-[(1R,3AR,7AS)-7A-METHYL-1-[(2R)-6-METHYLHEPTAN-2-YL]-2,3,3A,5,6,7-HEXAHYDRO-1H-INDEN-4-YLIDENE]ETHYLI DENE]-4-METHYLIDENE-CYCLOHEXAN-1-OL' 'C27 H44 O'
#
# COMPACT_ATOMS: atom_id res chain seq x y z
N LEU A 10 21.16 -1.34 23.85
CA LEU A 10 20.10 -0.41 23.47
C LEU A 10 18.94 -0.56 24.48
N ASN A 11 19.08 0.11 25.61
CA ASN A 11 18.10 -0.02 26.69
C ASN A 11 16.82 0.74 26.43
N THR A 12 16.75 1.53 25.37
CA THR A 12 15.51 2.23 25.06
C THR A 12 14.67 1.51 24.02
N ALA A 13 15.03 0.29 23.64
CA ALA A 13 14.26 -0.47 22.67
C ALA A 13 12.87 -0.71 23.22
N ILE A 14 11.90 -0.76 22.30
CA ILE A 14 10.53 -1.12 22.64
C ILE A 14 10.45 -2.51 23.22
N ALA A 15 9.32 -2.80 23.84
CA ALA A 15 9.12 -4.12 24.39
C ALA A 15 9.06 -5.16 23.28
N THR A 16 9.63 -6.34 23.53
CA THR A 16 9.44 -7.47 22.62
C THR A 16 8.09 -8.11 22.89
N ARG A 17 7.66 -8.95 21.96
N ARG A 17 7.66 -8.97 21.96
CA ARG A 17 6.45 -9.72 22.12
CA ARG A 17 6.42 -9.71 22.11
C ARG A 17 6.74 -11.21 21.99
C ARG A 17 6.68 -11.19 21.93
N VAL A 18 5.82 -12.00 22.53
CA VAL A 18 5.89 -13.45 22.37
C VAL A 18 5.27 -13.81 21.02
N ASN A 19 6.08 -14.37 20.13
CA ASN A 19 5.60 -14.65 18.79
C ASN A 19 4.53 -15.73 18.86
N GLY A 20 3.53 -15.62 17.98
CA GLY A 20 2.45 -16.60 17.92
C GLY A 20 1.26 -16.32 18.81
N THR A 21 1.30 -15.28 19.62
CA THR A 21 0.22 -15.01 20.57
C THR A 21 -0.97 -14.46 19.82
N PRO A 22 -2.14 -15.11 19.86
CA PRO A 22 -3.32 -14.52 19.22
C PRO A 22 -3.85 -13.37 20.05
N PRO A 23 -4.30 -12.29 19.41
CA PRO A 23 -4.96 -11.26 20.17
C PRO A 23 -6.30 -11.75 20.67
N PRO A 24 -6.77 -11.27 21.82
CA PRO A 24 -8.12 -11.61 22.25
C PRO A 24 -9.15 -11.19 21.19
N GLU A 25 -10.12 -12.05 20.93
CA GLU A 25 -11.23 -11.63 20.10
C GLU A 25 -12.03 -10.56 20.83
N VAL A 26 -12.72 -9.74 20.04
CA VAL A 26 -13.41 -8.53 20.49
C VAL A 26 -14.91 -8.77 20.39
N PRO A 27 -15.70 -8.44 21.41
CA PRO A 27 -17.16 -8.59 21.26
C PRO A 27 -17.67 -7.85 20.04
N ILE A 28 -18.56 -8.49 19.26
CA ILE A 28 -19.00 -7.89 18.00
C ILE A 28 -19.68 -6.55 18.23
N ALA A 29 -20.30 -6.32 19.40
CA ALA A 29 -20.91 -5.03 19.66
C ALA A 29 -19.90 -3.90 19.72
N ASP A 30 -18.62 -4.20 19.91
CA ASP A 30 -17.60 -3.19 20.03
C ASP A 30 -16.89 -2.90 18.71
N ILE A 31 -17.36 -3.46 17.61
CA ILE A 31 -16.72 -3.32 16.30
C ILE A 31 -17.57 -2.37 15.45
N GLU A 32 -17.00 -1.26 14.98
N GLU A 32 -16.99 -1.27 14.97
CA GLU A 32 -17.70 -0.33 14.08
CA GLU A 32 -17.72 -0.36 14.06
C GLU A 32 -16.75 0.01 12.93
C GLU A 32 -16.77 0.02 12.92
N LEU A 33 -16.78 -0.80 11.88
CA LEU A 33 -15.93 -0.55 10.74
C LEU A 33 -16.26 0.78 10.07
N GLY A 34 -17.45 1.31 10.28
CA GLY A 34 -17.86 2.56 9.67
C GLY A 34 -17.62 3.77 10.57
N SER A 35 -16.69 3.66 11.50
CA SER A 35 -16.33 4.78 12.35
C SER A 35 -14.82 5.00 12.35
N LEU A 36 -14.38 6.24 12.15
CA LEU A 36 -12.96 6.52 12.27
C LEU A 36 -12.44 6.18 13.66
N ASP A 37 -13.29 6.26 14.69
CA ASP A 37 -12.83 5.88 16.04
C ASP A 37 -12.25 4.47 16.05
N PHE A 38 -12.84 3.57 15.29
CA PHE A 38 -12.41 2.18 15.30
C PHE A 38 -11.02 2.05 14.71
N TRP A 39 -10.74 2.81 13.65
CA TRP A 39 -9.43 2.79 13.02
C TRP A 39 -8.35 3.43 13.88
N ALA A 40 -8.73 4.16 14.93
CA ALA A 40 -7.77 4.69 15.91
C ALA A 40 -7.44 3.68 17.01
N LEU A 41 -8.18 2.59 17.15
CA LEU A 41 -7.83 1.59 18.14
C LEU A 41 -6.51 0.94 17.77
N ASP A 42 -5.83 0.41 18.79
N ASP A 42 -5.80 0.42 18.76
CA ASP A 42 -4.57 -0.26 18.56
CA ASP A 42 -4.51 -0.18 18.41
C ASP A 42 -4.77 -1.51 17.72
C ASP A 42 -4.70 -1.47 17.63
N ASP A 43 -3.69 -1.92 17.05
N ASP A 43 -3.61 -1.90 17.00
CA ASP A 43 -3.76 -2.99 16.06
CA ASP A 43 -3.64 -3.02 16.06
C ASP A 43 -4.09 -4.34 16.68
C ASP A 43 -4.16 -4.29 16.71
N ASP A 44 -3.78 -4.55 17.97
CA ASP A 44 -4.24 -5.78 18.61
C ASP A 44 -5.78 -5.83 18.68
N VAL A 45 -6.42 -4.71 19.01
CA VAL A 45 -7.88 -4.68 19.03
C VAL A 45 -8.44 -4.85 17.61
N ARG A 46 -7.83 -4.16 16.64
CA ARG A 46 -8.30 -4.30 15.28
C ARG A 46 -8.16 -5.74 14.81
N ASP A 47 -7.03 -6.35 15.10
CA ASP A 47 -6.83 -7.72 14.66
C ASP A 47 -7.83 -8.67 15.34
N GLY A 48 -8.10 -8.45 16.62
CA GLY A 48 -9.06 -9.27 17.33
C GLY A 48 -10.48 -9.05 16.84
N ALA A 49 -10.76 -7.85 16.37
CA ALA A 49 -12.08 -7.55 15.80
C ALA A 49 -12.28 -8.29 14.48
N PHE A 50 -11.32 -8.25 13.58
CA PHE A 50 -11.44 -9.07 12.36
C PHE A 50 -11.50 -10.56 12.66
N ALA A 51 -10.83 -11.00 13.72
CA ALA A 51 -10.97 -12.40 14.12
C ALA A 51 -12.42 -12.72 14.49
N THR A 52 -13.05 -11.84 15.25
CA THR A 52 -14.45 -12.05 15.57
C THR A 52 -15.32 -12.11 14.33
N LEU A 53 -15.11 -11.17 13.38
CA LEU A 53 -15.89 -11.18 12.15
C LEU A 53 -15.69 -12.48 11.38
N ARG A 54 -14.45 -12.96 11.25
CA ARG A 54 -14.22 -14.21 10.51
C ARG A 54 -15.00 -15.37 11.11
N ARG A 55 -15.15 -15.38 12.44
CA ARG A 55 -15.79 -16.45 13.16
C ARG A 55 -17.30 -16.30 13.13
N GLU A 56 -17.79 -15.08 13.43
CA GLU A 56 -19.19 -14.80 13.76
C GLU A 56 -19.97 -14.18 12.63
N ALA A 57 -19.33 -13.42 11.74
CA ALA A 57 -20.02 -12.67 10.69
C ALA A 57 -19.09 -12.49 9.51
N PRO A 58 -18.71 -13.58 8.83
CA PRO A 58 -17.64 -13.46 7.82
C PRO A 58 -18.00 -12.53 6.68
N ILE A 59 -19.29 -12.41 6.36
N ILE A 59 -19.29 -12.41 6.36
CA ILE A 59 -19.78 -11.35 5.49
CA ILE A 59 -19.82 -11.38 5.50
C ILE A 59 -20.77 -10.54 6.28
C ILE A 59 -20.76 -10.55 6.34
N SER A 60 -20.56 -9.23 6.34
CA SER A 60 -21.48 -8.37 7.12
C SER A 60 -21.51 -6.98 6.51
N PHE A 61 -22.58 -6.25 6.76
CA PHE A 61 -22.78 -4.96 6.10
C PHE A 61 -22.45 -3.79 7.03
N TRP A 62 -21.84 -2.73 6.47
CA TRP A 62 -21.37 -1.59 7.25
C TRP A 62 -21.67 -0.30 6.52
N PRO A 63 -22.06 0.75 7.25
N PRO A 63 -22.11 0.74 7.22
CA PRO A 63 -22.19 2.06 6.63
CA PRO A 63 -22.22 2.06 6.59
C PRO A 63 -20.81 2.60 6.28
C PRO A 63 -20.83 2.62 6.28
N THR A 64 -20.78 3.48 5.29
N THR A 64 -20.79 3.51 5.29
CA THR A 64 -19.53 4.07 4.86
CA THR A 64 -19.52 4.09 4.85
C THR A 64 -19.12 5.20 5.82
C THR A 64 -19.11 5.27 5.73
N ILE A 65 -17.81 5.37 6.02
CA ILE A 65 -17.33 6.44 6.89
C ILE A 65 -17.52 7.80 6.22
N GLU A 66 -18.05 8.76 6.97
CA GLU A 66 -18.17 10.12 6.50
C GLU A 66 -16.81 10.81 6.64
N LEU A 67 -16.29 11.32 5.52
CA LEU A 67 -15.08 12.10 5.50
C LEU A 67 -15.41 13.49 4.96
N PRO A 68 -14.82 14.56 5.51
CA PRO A 68 -15.14 15.91 5.03
C PRO A 68 -15.04 16.04 3.51
N GLY A 69 -16.13 16.41 2.88
CA GLY A 69 -16.13 16.65 1.45
C GLY A 69 -16.14 15.42 0.59
N PHE A 70 -16.12 14.24 1.17
CA PHE A 70 -16.22 13.00 0.39
C PHE A 70 -17.61 12.43 0.57
N VAL A 71 -18.17 11.93 -0.53
CA VAL A 71 -19.52 11.40 -0.55
C VAL A 71 -19.46 9.97 -0.02
N ALA A 72 -20.14 9.74 1.09
CA ALA A 72 -20.22 8.40 1.67
C ALA A 72 -21.15 7.49 0.86
N GLY A 73 -22.42 7.86 0.74
CA GLY A 73 -23.28 7.08 -0.12
C GLY A 73 -23.64 5.75 0.53
N ASN A 74 -23.84 4.74 -0.31
CA ASN A 74 -24.27 3.44 0.17
C ASN A 74 -23.16 2.75 0.95
N GLY A 75 -23.59 1.87 1.84
CA GLY A 75 -22.68 1.07 2.63
C GLY A 75 -22.10 -0.09 1.83
N HIS A 76 -21.44 -1.01 2.53
CA HIS A 76 -20.71 -2.07 1.83
C HIS A 76 -20.76 -3.39 2.60
N TRP A 77 -20.68 -4.46 1.81
CA TRP A 77 -20.56 -5.82 2.33
C TRP A 77 -19.07 -6.14 2.53
N ALA A 78 -18.69 -6.44 3.78
CA ALA A 78 -17.30 -6.70 4.12
C ALA A 78 -17.02 -8.19 4.06
N LEU A 79 -16.12 -8.58 3.15
N LEU A 79 -16.10 -8.56 3.16
CA LEU A 79 -15.58 -9.93 3.02
CA LEU A 79 -15.60 -9.94 3.03
C LEU A 79 -14.31 -10.01 3.85
C LEU A 79 -14.31 -10.05 3.82
N THR A 80 -14.36 -10.79 4.93
CA THR A 80 -13.24 -10.91 5.86
C THR A 80 -12.51 -12.25 5.73
N LYS A 81 -13.08 -13.20 5.00
CA LYS A 81 -12.42 -14.51 4.85
C LYS A 81 -11.54 -14.55 3.61
N TYR A 82 -10.40 -15.22 3.74
CA TYR A 82 -9.49 -15.37 2.60
C TYR A 82 -10.19 -15.90 1.35
N ASP A 83 -10.97 -16.97 1.46
N ASP A 83 -10.99 -16.95 1.47
CA ASP A 83 -11.52 -17.58 0.25
CA ASP A 83 -11.53 -17.58 0.26
C ASP A 83 -12.44 -16.61 -0.48
C ASP A 83 -12.53 -16.70 -0.46
N ASP A 84 -13.23 -15.83 0.26
CA ASP A 84 -14.11 -14.87 -0.39
C ASP A 84 -13.36 -13.72 -1.03
N VAL A 85 -12.30 -13.20 -0.39
CA VAL A 85 -11.50 -12.14 -0.99
C VAL A 85 -10.81 -12.65 -2.27
N PHE A 86 -10.31 -13.89 -2.22
CA PHE A 86 -9.68 -14.52 -3.39
C PHE A 86 -10.68 -14.68 -4.52
N TYR A 87 -11.84 -15.28 -4.21
CA TYR A 87 -12.90 -15.44 -5.20
C TYR A 87 -13.27 -14.11 -5.85
N ALA A 88 -13.55 -13.09 -5.03
CA ALA A 88 -14.01 -11.81 -5.59
C ALA A 88 -12.94 -11.20 -6.50
N SER A 89 -11.68 -11.31 -6.10
CA SER A 89 -10.57 -10.76 -6.88
C SER A 89 -10.48 -11.40 -8.28
N ARG A 90 -10.71 -12.70 -8.36
N ARG A 90 -10.73 -12.70 -8.37
CA ARG A 90 -10.58 -13.50 -9.58
CA ARG A 90 -10.58 -13.49 -9.58
C ARG A 90 -11.91 -13.67 -10.31
C ARG A 90 -11.83 -13.49 -10.46
N HIS A 91 -12.88 -12.79 -10.04
CA HIS A 91 -14.14 -12.73 -10.79
C HIS A 91 -14.50 -11.28 -11.04
N PRO A 92 -13.71 -10.59 -11.83
CA PRO A 92 -13.93 -9.15 -12.04
C PRO A 92 -15.13 -8.86 -12.90
N ASP A 93 -15.62 -9.83 -13.68
CA ASP A 93 -16.89 -9.61 -14.41
C ASP A 93 -18.08 -9.52 -13.46
N ILE A 94 -17.98 -10.11 -12.27
CA ILE A 94 -19.01 -9.95 -11.25
C ILE A 94 -18.68 -8.82 -10.27
N PHE A 95 -17.41 -8.77 -9.84
CA PHE A 95 -16.91 -7.84 -8.83
C PHE A 95 -16.10 -6.77 -9.58
N SER A 96 -16.78 -5.73 -10.06
CA SER A 96 -16.19 -4.73 -10.95
C SER A 96 -15.34 -3.72 -10.16
N SER A 97 -14.27 -3.22 -10.80
CA SER A 97 -13.49 -2.14 -10.22
C SER A 97 -14.04 -0.76 -10.55
N TYR A 98 -15.07 -0.71 -11.41
CA TYR A 98 -15.76 0.54 -11.71
C TYR A 98 -16.96 0.69 -10.78
N PRO A 99 -17.24 1.87 -10.20
CA PRO A 99 -16.60 3.16 -10.50
C PRO A 99 -15.47 3.59 -9.56
N ASN A 100 -15.25 2.84 -8.48
CA ASN A 100 -14.20 3.21 -7.53
C ASN A 100 -13.70 1.99 -6.73
N ILE A 101 -12.47 2.10 -6.20
CA ILE A 101 -11.91 1.01 -5.41
C ILE A 101 -11.71 1.35 -3.94
N THR A 102 -12.13 2.53 -3.47
CA THR A 102 -12.35 2.72 -2.03
C THR A 102 -13.85 2.70 -1.79
N ILE A 103 -14.22 2.67 -0.50
N ILE A 103 -14.27 2.66 -0.51
CA ILE A 103 -15.62 2.55 -0.13
CA ILE A 103 -15.70 2.52 -0.24
C ILE A 103 -16.41 3.78 -0.56
C ILE A 103 -16.48 3.82 -0.41
N ASN A 104 -15.80 4.97 -0.51
CA ASN A 104 -16.49 6.20 -0.82
C ASN A 104 -16.74 6.33 -2.31
N ASP A 105 -17.63 7.25 -2.66
CA ASP A 105 -17.97 7.52 -4.05
C ASP A 105 -17.01 8.59 -4.56
N GLN A 106 -16.53 8.43 -5.81
CA GLN A 106 -15.91 9.54 -6.52
C GLN A 106 -16.99 10.46 -7.11
N THR A 107 -16.51 11.57 -7.65
CA THR A 107 -17.31 12.63 -8.27
C THR A 107 -16.64 12.97 -9.59
N PRO A 108 -17.31 13.73 -10.45
CA PRO A 108 -16.62 14.23 -11.65
C PRO A 108 -15.36 15.00 -11.30
N GLU A 109 -15.41 15.79 -10.23
CA GLU A 109 -14.24 16.59 -9.86
C GLU A 109 -13.09 15.71 -9.37
N LEU A 110 -13.37 14.64 -8.65
CA LEU A 110 -12.28 13.72 -8.33
C LEU A 110 -11.78 13.00 -9.59
N ALA A 111 -12.71 12.70 -10.52
CA ALA A 111 -12.39 11.84 -11.66
C ALA A 111 -11.33 12.46 -12.55
N GLU A 112 -11.22 13.79 -12.57
N GLU A 112 -11.21 13.78 -12.57
CA GLU A 112 -10.17 14.41 -13.34
CA GLU A 112 -10.17 14.40 -13.38
C GLU A 112 -8.80 13.87 -12.96
C GLU A 112 -8.76 14.02 -12.92
N TYR A 113 -8.61 13.57 -11.68
CA TYR A 113 -7.31 13.21 -11.16
C TYR A 113 -7.19 11.75 -10.78
N PHE A 114 -8.32 11.06 -10.61
CA PHE A 114 -8.31 9.73 -10.02
C PHE A 114 -9.02 8.69 -10.89
N GLY A 115 -9.29 9.03 -12.14
CA GLY A 115 -9.94 8.13 -13.08
C GLY A 115 -8.93 7.35 -13.87
N SER A 116 -8.13 6.55 -13.17
CA SER A 116 -7.07 5.75 -13.78
C SER A 116 -7.56 4.33 -14.06
N MET A 117 -6.64 3.47 -14.54
CA MET A 117 -6.95 2.09 -14.84
C MET A 117 -7.37 1.29 -13.61
N ILE A 118 -7.09 1.77 -12.40
CA ILE A 118 -7.41 0.97 -11.23
C ILE A 118 -8.90 1.02 -10.99
N VAL A 119 -9.62 1.98 -11.58
CA VAL A 119 -11.08 2.06 -11.43
C VAL A 119 -11.78 1.71 -12.74
N LEU A 120 -11.15 0.86 -13.56
CA LEU A 120 -11.70 0.42 -14.84
C LEU A 120 -11.58 -1.09 -14.95
N ASP A 121 -12.48 -1.67 -15.73
CA ASP A 121 -12.45 -3.09 -16.05
C ASP A 121 -11.78 -3.28 -17.41
N ASP A 122 -11.47 -4.54 -17.73
CA ASP A 122 -11.00 -4.89 -19.07
C ASP A 122 -12.16 -4.81 -20.07
N PRO A 123 -11.86 -4.52 -21.35
CA PRO A 123 -10.50 -4.44 -21.89
C PRO A 123 -9.73 -3.14 -21.71
N ARG A 124 -10.40 -2.03 -21.40
N ARG A 124 -10.40 -2.02 -21.43
CA ARG A 124 -9.67 -0.77 -21.39
CA ARG A 124 -9.67 -0.75 -21.36
C ARG A 124 -8.59 -0.79 -20.31
C ARG A 124 -8.58 -0.82 -20.31
N HIS A 125 -8.88 -1.37 -19.14
CA HIS A 125 -7.87 -1.51 -18.10
C HIS A 125 -6.59 -2.12 -18.65
N GLN A 126 -6.69 -3.24 -19.37
CA GLN A 126 -5.47 -3.90 -19.80
C GLN A 126 -4.77 -3.12 -20.89
N ARG A 127 -5.53 -2.42 -21.75
CA ARG A 127 -4.87 -1.59 -22.76
C ARG A 127 -4.07 -0.46 -22.12
N LEU A 128 -4.60 0.14 -21.06
CA LEU A 128 -3.85 1.15 -20.32
C LEU A 128 -2.63 0.54 -19.62
N ARG A 129 -2.83 -0.57 -18.92
CA ARG A 129 -1.75 -1.19 -18.18
C ARG A 129 -0.60 -1.57 -19.08
N SER A 130 -0.91 -2.02 -20.32
N SER A 130 -0.91 -2.04 -20.30
CA SER A 130 0.12 -2.45 -21.25
CA SER A 130 0.12 -2.46 -21.23
C SER A 130 1.06 -1.32 -21.64
C SER A 130 1.04 -1.32 -21.65
N ILE A 131 0.64 -0.05 -21.46
CA ILE A 131 1.53 1.06 -21.79
C ILE A 131 2.79 1.04 -20.95
N VAL A 132 2.67 0.67 -19.67
CA VAL A 132 3.78 0.72 -18.72
C VAL A 132 4.21 -0.65 -18.18
N SER A 133 3.56 -1.74 -18.60
CA SER A 133 3.76 -3.00 -17.89
C SER A 133 5.18 -3.52 -18.02
N ARG A 134 5.80 -3.31 -19.19
CA ARG A 134 7.15 -3.81 -19.39
C ARG A 134 8.12 -3.26 -18.35
N ALA A 135 7.96 -2.00 -18.00
CA ALA A 135 8.87 -1.32 -17.05
C ALA A 135 8.82 -1.94 -15.66
N PHE A 136 7.75 -2.68 -15.37
CA PHE A 136 7.55 -3.26 -14.04
C PHE A 136 7.78 -4.77 -14.00
N THR A 137 8.16 -5.37 -15.11
CA THR A 137 8.38 -6.81 -15.13
C THR A 137 9.65 -7.15 -14.34
N PRO A 138 9.73 -8.40 -13.86
CA PRO A 138 10.91 -8.79 -13.08
C PRO A 138 12.23 -8.51 -13.76
N LYS A 139 12.34 -8.81 -15.06
CA LYS A 139 13.64 -8.69 -15.72
C LYS A 139 14.04 -7.23 -15.89
N VAL A 140 13.06 -6.34 -16.05
CA VAL A 140 13.36 -4.92 -16.23
C VAL A 140 13.66 -4.26 -14.88
N VAL A 141 12.88 -4.59 -13.87
CA VAL A 141 13.11 -4.06 -12.54
C VAL A 141 14.43 -4.57 -11.96
N ALA A 142 14.81 -5.81 -12.28
CA ALA A 142 16.10 -6.31 -11.83
C ALA A 142 17.22 -5.40 -12.32
N ARG A 143 17.07 -4.81 -13.50
N ARG A 143 17.07 -4.79 -13.49
CA ARG A 143 18.11 -3.98 -14.07
CA ARG A 143 18.10 -3.97 -14.09
C ARG A 143 18.44 -2.80 -13.18
C ARG A 143 18.31 -2.64 -13.38
N ILE A 144 17.50 -2.31 -12.38
CA ILE A 144 17.72 -1.11 -11.59
C ILE A 144 18.13 -1.41 -10.14
N GLU A 145 18.57 -2.64 -9.87
CA GLU A 145 19.12 -2.97 -8.55
C GLU A 145 20.19 -1.94 -8.15
N ALA A 146 21.07 -1.57 -9.09
CA ALA A 146 22.13 -0.61 -8.74
C ALA A 146 21.52 0.68 -8.20
N ALA A 147 20.45 1.16 -8.84
CA ALA A 147 19.84 2.41 -8.38
C ALA A 147 19.21 2.25 -7.00
N VAL A 148 18.52 1.13 -6.77
CA VAL A 148 17.94 0.87 -5.46
C VAL A 148 19.03 0.80 -4.40
N ARG A 149 20.13 0.09 -4.68
CA ARG A 149 21.22 -0.03 -3.73
C ARG A 149 21.90 1.31 -3.46
N ASP A 150 22.14 2.10 -4.50
CA ASP A 150 22.82 3.37 -4.28
C ASP A 150 22.02 4.25 -3.32
N ARG A 151 20.73 4.32 -3.55
CA ARG A 151 19.89 5.23 -2.76
C ARG A 151 19.70 4.69 -1.34
N ALA A 152 19.44 3.39 -1.20
CA ALA A 152 19.31 2.80 0.14
C ALA A 152 20.58 2.91 0.95
N HIS A 153 21.70 2.60 0.30
CA HIS A 153 22.96 2.66 0.99
C HIS A 153 23.24 4.07 1.49
N ARG A 154 23.00 5.09 0.64
CA ARG A 154 23.22 6.47 1.03
C ARG A 154 22.27 6.90 2.15
N LEU A 155 21.02 6.46 2.08
CA LEU A 155 20.08 6.85 3.12
C LEU A 155 20.50 6.30 4.48
N VAL A 156 20.90 5.03 4.53
CA VAL A 156 21.33 4.48 5.81
C VAL A 156 22.60 5.17 6.30
N SER A 157 23.55 5.41 5.41
N SER A 157 23.55 5.46 5.41
N SER A 157 23.51 5.46 5.38
CA SER A 157 24.76 6.16 5.80
CA SER A 157 24.76 6.15 5.84
CA SER A 157 24.77 6.16 5.75
C SER A 157 24.40 7.53 6.35
C SER A 157 24.49 7.59 6.25
C SER A 157 24.41 7.54 6.32
N SER A 158 23.43 8.21 5.72
CA SER A 158 23.00 9.51 6.19
C SER A 158 22.30 9.44 7.53
N MET A 159 21.57 8.36 7.83
N MET A 159 21.55 8.37 7.81
CA MET A 159 21.03 8.23 9.17
CA MET A 159 21.03 8.22 9.17
C MET A 159 22.13 8.24 10.22
C MET A 159 22.15 8.30 10.19
N ILE A 160 23.29 7.65 9.88
CA ILE A 160 24.42 7.66 10.80
C ILE A 160 25.07 9.04 10.85
N ALA A 161 25.32 9.66 9.70
CA ALA A 161 26.03 10.93 9.65
C ALA A 161 25.18 12.07 10.19
N ASN A 162 23.86 11.97 10.06
CA ASN A 162 22.98 13.07 10.41
C ASN A 162 22.61 13.10 11.89
N ASN A 163 22.87 12.03 12.63
CA ASN A 163 22.36 11.87 14.00
C ASN A 163 23.47 11.42 14.94
N PRO A 164 24.28 12.36 15.42
CA PRO A 164 25.29 12.05 16.45
C PRO A 164 24.73 11.29 17.64
N ASP A 165 23.47 11.54 18.03
CA ASP A 165 22.87 10.84 19.17
C ASP A 165 22.37 9.43 18.84
N ARG A 166 22.50 8.98 17.60
N ARG A 166 22.52 9.01 17.58
CA ARG A 166 22.09 7.63 17.19
CA ARG A 166 22.10 7.70 17.09
C ARG A 166 20.57 7.44 17.26
C ARG A 166 20.60 7.46 17.29
N GLN A 167 19.82 8.52 17.13
CA GLN A 167 18.37 8.45 17.09
C GLN A 167 17.88 9.00 15.76
N ALA A 168 16.90 8.33 15.14
CA ALA A 168 16.39 8.74 13.83
C ALA A 168 14.94 8.32 13.74
N ASP A 169 14.24 8.91 12.79
CA ASP A 169 12.92 8.46 12.37
C ASP A 169 13.09 7.60 11.12
N LEU A 170 12.80 6.30 11.26
CA LEU A 170 12.95 5.42 10.12
C LEU A 170 12.14 5.90 8.92
N VAL A 171 10.94 6.46 9.17
CA VAL A 171 10.06 6.79 8.05
C VAL A 171 10.65 7.91 7.20
N SER A 172 10.94 9.06 7.81
N SER A 172 10.93 9.05 7.82
CA SER A 172 11.44 10.16 7.00
CA SER A 172 11.44 10.18 7.03
C SER A 172 12.86 9.94 6.49
C SER A 172 12.86 9.97 6.53
N GLU A 173 13.65 9.11 7.17
CA GLU A 173 15.06 8.98 6.85
C GLU A 173 15.38 7.76 5.99
N LEU A 174 14.44 6.84 5.80
CA LEU A 174 14.70 5.67 4.98
C LEU A 174 13.47 5.15 4.27
N ALA A 175 12.45 4.78 5.02
CA ALA A 175 11.35 4.00 4.45
C ALA A 175 10.57 4.83 3.45
N GLY A 176 10.38 6.12 3.74
CA GLY A 176 9.74 7.05 2.85
C GLY A 176 10.58 7.41 1.61
N PRO A 177 11.81 7.90 1.81
CA PRO A 177 12.58 8.43 0.68
C PRO A 177 13.08 7.36 -0.28
N LEU A 178 13.26 6.10 0.15
CA LEU A 178 13.79 5.12 -0.79
C LEU A 178 12.80 4.83 -1.91
N PRO A 179 11.58 4.42 -1.63
CA PRO A 179 10.66 4.15 -2.74
C PRO A 179 10.32 5.39 -3.53
N LEU A 180 10.33 6.54 -2.87
CA LEU A 180 10.03 7.81 -3.53
C LEU A 180 11.03 8.08 -4.65
N GLN A 181 12.31 7.93 -4.33
CA GLN A 181 13.34 8.15 -5.35
C GLN A 181 13.10 7.24 -6.55
N ILE A 182 12.86 5.96 -6.29
CA ILE A 182 12.82 4.98 -7.35
C ILE A 182 11.67 5.24 -8.28
N ILE A 183 10.45 5.44 -7.75
CA ILE A 183 9.33 5.70 -8.64
C ILE A 183 9.47 7.04 -9.33
N CYS A 184 9.92 8.10 -8.63
CA CYS A 184 10.02 9.38 -9.28
C CYS A 184 11.02 9.31 -10.41
N ASP A 185 12.15 8.64 -10.21
CA ASP A 185 13.11 8.54 -11.32
C ASP A 185 12.56 7.71 -12.48
N MET A 186 11.80 6.66 -12.20
N MET A 186 11.82 6.65 -12.19
CA MET A 186 11.16 5.92 -13.29
CA MET A 186 11.13 5.92 -13.25
C MET A 186 10.21 6.82 -14.06
C MET A 186 10.25 6.85 -14.06
N MET A 187 9.47 7.70 -13.36
CA MET A 187 8.53 8.61 -14.02
C MET A 187 9.25 9.69 -14.85
N GLY A 188 10.46 10.03 -14.47
CA GLY A 188 11.17 11.13 -15.12
C GLY A 188 11.03 12.47 -14.44
N ILE A 189 10.80 12.48 -13.13
CA ILE A 189 10.61 13.69 -12.35
C ILE A 189 11.97 14.15 -11.85
N PRO A 190 12.32 15.42 -12.04
CA PRO A 190 13.60 15.89 -11.50
C PRO A 190 13.64 15.79 -9.99
N LYS A 191 14.85 15.46 -9.50
CA LYS A 191 15.12 15.27 -8.06
C LYS A 191 14.61 16.44 -7.22
N ALA A 192 14.76 17.67 -7.73
CA ALA A 192 14.37 18.83 -6.95
C ALA A 192 12.89 18.83 -6.58
N ASP A 193 12.05 18.09 -7.31
CA ASP A 193 10.61 18.04 -7.04
C ASP A 193 10.16 16.77 -6.33
N HIS A 194 11.06 15.83 -5.97
CA HIS A 194 10.60 14.59 -5.35
C HIS A 194 9.88 14.84 -4.02
N GLN A 195 10.41 15.72 -3.18
CA GLN A 195 9.75 15.96 -1.91
C GLN A 195 8.40 16.64 -2.11
N ARG A 196 8.28 17.47 -3.15
CA ARG A 196 6.99 18.07 -3.44
C ARG A 196 5.98 16.97 -3.81
N ILE A 197 6.40 16.01 -4.65
CA ILE A 197 5.56 14.88 -4.99
C ILE A 197 5.14 14.12 -3.73
N PHE A 198 6.11 13.82 -2.88
CA PHE A 198 5.85 13.09 -1.65
C PHE A 198 4.87 13.81 -0.72
N HIS A 199 4.98 15.13 -0.60
CA HIS A 199 3.99 15.83 0.21
C HIS A 199 2.59 15.67 -0.38
N TRP A 200 2.45 15.82 -1.70
CA TRP A 200 1.15 15.67 -2.31
C TRP A 200 0.60 14.27 -2.10
N THR A 201 1.41 13.23 -2.31
CA THR A 201 0.89 11.86 -2.15
C THR A 201 0.60 11.54 -0.67
N ASN A 202 1.40 12.10 0.24
CA ASN A 202 1.15 11.93 1.67
C ASN A 202 -0.23 12.48 2.03
N VAL A 203 -0.59 13.63 1.48
CA VAL A 203 -1.90 14.22 1.77
C VAL A 203 -3.01 13.39 1.10
N ILE A 204 -2.81 13.01 -0.16
CA ILE A 204 -3.82 12.27 -0.90
C ILE A 204 -4.20 11.00 -0.16
N LEU A 205 -3.23 10.27 0.38
N LEU A 205 -3.24 10.25 0.39
CA LEU A 205 -3.48 9.01 1.05
CA LEU A 205 -3.56 9.01 1.08
C LEU A 205 -3.29 9.12 2.56
C LEU A 205 -3.37 9.11 2.58
N GLY A 206 -3.39 10.32 3.10
CA GLY A 206 -3.47 10.52 4.53
C GLY A 206 -4.71 11.27 4.98
N PHE A 207 -5.59 11.62 4.06
CA PHE A 207 -6.73 12.46 4.37
C PHE A 207 -7.58 11.85 5.46
N GLY A 208 -7.94 12.69 6.43
CA GLY A 208 -8.67 12.29 7.60
C GLY A 208 -7.83 12.13 8.85
N ASP A 209 -6.52 12.00 8.69
CA ASP A 209 -5.66 12.04 9.86
C ASP A 209 -5.27 13.49 10.06
N PRO A 210 -5.57 14.09 11.21
CA PRO A 210 -5.27 15.52 11.38
C PRO A 210 -3.80 15.88 11.25
N ASP A 211 -2.88 14.92 11.38
CA ASP A 211 -1.48 15.22 11.16
C ASP A 211 -1.18 15.42 9.67
N LEU A 212 -2.08 14.99 8.77
CA LEU A 212 -1.88 15.10 7.34
C LEU A 212 -2.80 16.19 6.77
N ALA A 213 -4.11 15.95 6.77
CA ALA A 213 -5.05 16.93 6.27
C ALA A 213 -6.42 16.44 6.66
N THR A 214 -7.27 17.36 7.04
CA THR A 214 -8.69 17.09 7.21
C THR A 214 -9.59 18.09 6.48
N ASP A 215 -9.05 19.12 5.85
CA ASP A 215 -9.87 20.09 5.11
C ASP A 215 -9.95 19.62 3.66
N PHE A 216 -11.16 19.40 3.18
CA PHE A 216 -11.30 18.93 1.79
C PHE A 216 -10.75 19.93 0.77
N ASP A 217 -10.74 21.23 1.09
CA ASP A 217 -10.17 22.22 0.21
C ASP A 217 -8.68 21.98 0.02
N GLU A 218 -7.99 21.56 1.07
CA GLU A 218 -6.57 21.25 0.92
C GLU A 218 -6.39 20.01 0.09
N PHE A 219 -7.25 19.01 0.28
CA PHE A 219 -7.18 17.80 -0.54
C PHE A 219 -7.38 18.14 -2.01
N MET A 220 -8.36 18.99 -2.32
CA MET A 220 -8.58 19.35 -3.71
C MET A 220 -7.45 20.22 -4.27
N GLN A 221 -6.83 21.08 -3.45
N GLN A 221 -6.89 21.11 -3.45
CA GLN A 221 -5.75 21.89 -3.98
CA GLN A 221 -5.74 21.91 -3.88
C GLN A 221 -4.51 21.05 -4.23
C GLN A 221 -4.57 21.00 -4.27
N VAL A 222 -4.24 20.06 -3.37
CA VAL A 222 -3.14 19.16 -3.61
C VAL A 222 -3.40 18.34 -4.88
N SER A 223 -4.62 17.82 -5.02
CA SER A 223 -4.94 17.05 -6.21
C SER A 223 -4.78 17.89 -7.48
N ALA A 224 -5.29 19.12 -7.48
CA ALA A 224 -5.12 19.99 -8.64
C ALA A 224 -3.65 20.30 -8.90
N ASP A 225 -2.88 20.48 -7.82
CA ASP A 225 -1.47 20.83 -7.99
C ASP A 225 -0.65 19.68 -8.57
N ILE A 226 -0.89 18.45 -8.12
CA ILE A 226 -0.13 17.33 -8.69
C ILE A 226 -0.60 17.05 -10.12
N GLY A 227 -1.88 17.23 -10.37
CA GLY A 227 -2.34 17.07 -11.75
C GLY A 227 -1.70 18.08 -12.68
N ALA A 228 -1.64 19.35 -12.25
CA ALA A 228 -0.99 20.37 -13.08
C ALA A 228 0.48 20.04 -13.28
N TYR A 229 1.13 19.51 -12.25
CA TYR A 229 2.53 19.11 -12.38
C TYR A 229 2.66 18.03 -13.45
N ALA A 230 1.81 17.02 -13.39
CA ALA A 230 1.87 15.91 -14.34
C ALA A 230 1.66 16.41 -15.77
N THR A 231 0.62 17.23 -15.97
CA THR A 231 0.31 17.80 -17.28
C THR A 231 1.48 18.61 -17.82
N ALA A 232 2.14 19.40 -16.97
CA ALA A 232 3.26 20.21 -17.46
C ALA A 232 4.44 19.34 -17.85
N LEU A 233 4.73 18.30 -17.07
CA LEU A 233 5.83 17.40 -17.42
C LEU A 233 5.50 16.62 -18.69
N ALA A 234 4.25 16.19 -18.82
CA ALA A 234 3.82 15.48 -20.01
C ALA A 234 3.97 16.36 -21.25
N GLU A 235 3.62 17.64 -21.14
CA GLU A 235 3.77 18.53 -22.27
C GLU A 235 5.23 18.67 -22.67
N ASP A 236 6.13 18.74 -21.69
CA ASP A 236 7.55 18.79 -22.04
C ASP A 236 7.94 17.52 -22.80
N ARG A 237 7.52 16.37 -22.29
CA ARG A 237 7.95 15.10 -22.88
C ARG A 237 7.35 14.88 -24.26
N ARG A 238 6.17 15.45 -24.52
N ARG A 238 6.14 15.40 -24.51
CA ARG A 238 5.56 15.34 -25.82
CA ARG A 238 5.58 15.33 -25.84
C ARG A 238 6.38 16.05 -26.88
C ARG A 238 6.50 15.95 -26.86
N VAL A 239 7.15 17.08 -26.50
CA VAL A 239 7.99 17.80 -27.46
C VAL A 239 9.38 17.19 -27.49
N ASN A 240 9.91 16.82 -26.34
CA ASN A 240 11.25 16.25 -26.22
C ASN A 240 11.21 14.99 -25.36
N HIS A 241 11.23 13.85 -26.05
CA HIS A 241 11.17 12.54 -25.41
C HIS A 241 12.34 12.34 -24.45
N HIS A 242 12.06 11.71 -23.31
CA HIS A 242 13.08 11.10 -22.48
C HIS A 242 12.75 9.62 -22.30
N ASP A 243 13.71 8.82 -21.83
N ASP A 243 13.74 8.84 -21.87
CA ASP A 243 13.46 7.39 -21.62
CA ASP A 243 13.55 7.44 -21.51
C ASP A 243 12.83 7.17 -20.24
C ASP A 243 12.90 7.42 -20.12
N ASP A 244 11.60 7.67 -20.07
CA ASP A 244 10.89 7.66 -18.80
C ASP A 244 9.43 7.28 -19.04
N LEU A 245 8.73 7.00 -17.94
CA LEU A 245 7.35 6.56 -18.06
C LEU A 245 6.43 7.69 -18.47
N THR A 246 6.73 8.93 -18.06
CA THR A 246 5.94 10.06 -18.55
C THR A 246 5.97 10.14 -20.08
N SER A 247 7.13 9.90 -20.68
CA SER A 247 7.20 9.88 -22.14
C SER A 247 6.43 8.72 -22.73
N SER A 248 6.51 7.54 -22.12
CA SER A 248 5.68 6.42 -22.59
C SER A 248 4.21 6.77 -22.58
N LEU A 249 3.76 7.43 -21.52
CA LEU A 249 2.34 7.77 -21.39
C LEU A 249 1.88 8.71 -22.50
N VAL A 250 2.66 9.76 -22.82
CA VAL A 250 2.24 10.74 -23.82
C VAL A 250 2.37 10.23 -25.24
N GLU A 251 3.21 9.21 -25.46
CA GLU A 251 3.45 8.63 -26.76
C GLU A 251 2.47 7.51 -27.09
N ALA A 252 1.82 6.93 -26.10
CA ALA A 252 0.99 5.77 -26.32
C ALA A 252 -0.30 6.11 -27.05
N GLU A 253 -0.84 5.13 -27.78
CA GLU A 253 -2.17 5.20 -28.37
C GLU A 253 -3.00 4.00 -27.94
N VAL A 254 -4.19 4.27 -27.38
CA VAL A 254 -5.11 3.24 -26.89
C VAL A 254 -6.45 3.35 -27.64
N ASP A 255 -6.88 2.24 -28.23
CA ASP A 255 -8.00 2.29 -29.16
C ASP A 255 -7.76 3.34 -30.25
N GLY A 256 -6.49 3.46 -30.65
CA GLY A 256 -6.12 4.34 -31.76
C GLY A 256 -6.07 5.82 -31.42
N GLU A 257 -6.21 6.18 -30.17
CA GLU A 257 -6.23 7.55 -29.74
C GLU A 257 -5.23 7.73 -28.62
N ARG A 258 -4.53 8.85 -28.65
N ARG A 258 -4.56 8.88 -28.62
CA ARG A 258 -3.66 9.20 -27.56
CA ARG A 258 -3.65 9.24 -27.56
C ARG A 258 -4.47 9.33 -26.29
C ARG A 258 -4.44 9.51 -26.28
N LEU A 259 -3.80 9.28 -25.14
CA LEU A 259 -4.49 9.50 -23.90
C LEU A 259 -4.82 10.99 -23.74
N SER A 260 -5.97 11.28 -23.15
CA SER A 260 -6.33 12.63 -22.87
C SER A 260 -5.50 13.20 -21.70
N SER A 261 -5.62 14.51 -21.47
N SER A 261 -5.66 14.50 -21.44
CA SER A 261 -4.96 15.14 -20.34
CA SER A 261 -4.96 15.15 -20.33
C SER A 261 -5.35 14.47 -19.03
C SER A 261 -5.36 14.56 -19.00
N ARG A 262 -6.66 14.27 -18.84
N ARG A 262 -6.64 14.20 -18.84
CA ARG A 262 -7.14 13.61 -17.63
CA ARG A 262 -7.08 13.61 -17.58
C ARG A 262 -6.53 12.21 -17.50
C ARG A 262 -6.65 12.16 -17.47
N GLU A 263 -6.50 11.46 -18.58
CA GLU A 263 -5.98 10.10 -18.52
C GLU A 263 -4.50 10.11 -18.15
N ILE A 264 -3.73 10.99 -18.78
N ILE A 264 -3.73 11.02 -18.73
CA ILE A 264 -2.32 11.15 -18.43
CA ILE A 264 -2.31 11.10 -18.40
C ILE A 264 -2.18 11.46 -16.95
C ILE A 264 -2.11 11.52 -16.96
N ALA A 265 -2.86 12.51 -16.49
CA ALA A 265 -2.66 12.96 -15.12
C ALA A 265 -3.08 11.89 -14.14
N SER A 266 -4.19 11.20 -14.43
N SER A 266 -4.19 11.19 -14.42
CA SER A 266 -4.66 10.14 -13.52
CA SER A 266 -4.63 10.15 -13.50
C SER A 266 -3.69 8.96 -13.49
C SER A 266 -3.68 8.97 -13.49
N PHE A 267 -3.05 8.67 -14.62
CA PHE A 267 -2.08 7.56 -14.67
C PHE A 267 -0.84 7.93 -13.89
N PHE A 268 -0.32 9.14 -14.12
CA PHE A 268 0.85 9.65 -13.39
C PHE A 268 0.59 9.62 -11.89
N ILE A 269 -0.57 10.14 -11.47
CA ILE A 269 -0.91 10.20 -10.05
C ILE A 269 -1.01 8.80 -9.45
N LEU A 270 -1.65 7.87 -10.16
CA LEU A 270 -1.76 6.51 -9.67
C LEU A 270 -0.40 5.92 -9.41
N LEU A 271 0.54 6.11 -10.34
CA LEU A 271 1.85 5.48 -10.19
C LEU A 271 2.63 6.09 -9.03
N VAL A 272 2.63 7.42 -8.90
CA VAL A 272 3.40 8.00 -7.79
C VAL A 272 2.73 7.77 -6.45
N VAL A 273 1.40 7.85 -6.36
CA VAL A 273 0.73 7.53 -5.10
C VAL A 273 1.02 6.09 -4.70
N ALA A 274 0.75 5.12 -5.58
CA ALA A 274 0.99 3.73 -5.22
C ALA A 274 2.46 3.50 -4.88
N GLY A 275 3.35 4.15 -5.59
CA GLY A 275 4.77 3.96 -5.34
C GLY A 275 5.25 4.53 -4.02
N ASN A 276 4.61 5.59 -3.55
CA ASN A 276 5.05 6.35 -2.39
C ASN A 276 4.35 5.98 -1.09
N GLU A 277 3.22 5.28 -1.14
CA GLU A 277 2.34 5.15 0.02
C GLU A 277 2.04 3.70 0.39
N THR A 278 2.97 2.82 0.01
CA THR A 278 2.80 1.36 0.22
C THR A 278 4.09 0.74 0.77
N THR A 279 5.14 0.70 -0.05
CA THR A 279 6.36 0.04 0.38
C THR A 279 6.92 0.65 1.65
N ARG A 280 6.77 1.95 1.84
CA ARG A 280 7.28 2.60 3.04
C ARG A 280 6.68 1.95 4.28
N ASN A 281 5.41 1.57 4.21
CA ASN A 281 4.76 0.93 5.35
C ASN A 281 5.19 -0.51 5.51
N ALA A 282 5.41 -1.23 4.42
CA ALA A 282 6.00 -2.54 4.55
C ALA A 282 7.32 -2.46 5.30
N ILE A 283 8.17 -1.55 4.88
CA ILE A 283 9.48 -1.44 5.49
C ILE A 283 9.32 -1.10 6.97
N THR A 284 8.49 -0.13 7.29
CA THR A 284 8.43 0.37 8.66
C THR A 284 7.78 -0.67 9.58
N HIS A 285 6.70 -1.31 9.14
CA HIS A 285 6.15 -2.41 9.91
C HIS A 285 7.14 -3.55 10.04
N GLY A 286 7.99 -3.74 9.03
CA GLY A 286 8.96 -4.82 9.11
C GLY A 286 9.99 -4.54 10.19
N VAL A 287 10.45 -3.31 10.30
CA VAL A 287 11.40 -2.99 11.36
C VAL A 287 10.74 -3.08 12.71
N LEU A 288 9.49 -2.67 12.81
CA LEU A 288 8.73 -2.84 14.06
C LEU A 288 8.67 -4.31 14.45
N ALA A 289 8.36 -5.19 13.49
CA ALA A 289 8.29 -6.63 13.76
C ALA A 289 9.65 -7.19 14.15
N LEU A 290 10.71 -6.85 13.44
CA LEU A 290 12.03 -7.32 13.86
C LEU A 290 12.33 -6.88 15.28
N SER A 291 11.91 -5.67 15.66
CA SER A 291 12.14 -5.16 17.00
C SER A 291 11.38 -5.97 18.05
N ARG A 292 10.13 -6.39 17.74
CA ARG A 292 9.32 -7.21 18.64
C ARG A 292 9.73 -8.67 18.67
N TYR A 293 10.32 -9.20 17.60
CA TYR A 293 10.65 -10.63 17.47
C TYR A 293 12.12 -10.78 17.08
N PRO A 294 13.02 -10.55 18.03
CA PRO A 294 14.44 -10.55 17.68
C PRO A 294 14.96 -11.87 17.11
N GLU A 295 14.38 -13.02 17.43
N GLU A 295 14.36 -13.02 17.43
CA GLU A 295 14.86 -14.26 16.83
CA GLU A 295 14.83 -14.27 16.84
C GLU A 295 14.70 -14.22 15.31
C GLU A 295 14.65 -14.28 15.32
N GLN A 296 13.66 -13.54 14.83
CA GLN A 296 13.47 -13.45 13.38
C GLN A 296 14.51 -12.55 12.76
N ARG A 297 14.85 -11.42 13.41
CA ARG A 297 15.97 -10.61 12.94
C ARG A 297 17.22 -11.45 12.82
N ASP A 298 17.56 -12.19 13.90
CA ASP A 298 18.80 -12.98 13.92
C ASP A 298 18.84 -13.99 12.78
N ARG A 299 17.73 -14.68 12.54
CA ARG A 299 17.76 -15.74 11.54
C ARG A 299 17.88 -15.13 10.14
N TRP A 300 17.29 -13.97 9.89
CA TRP A 300 17.46 -13.36 8.58
C TRP A 300 18.86 -12.81 8.44
N TRP A 301 19.37 -12.18 9.49
CA TRP A 301 20.71 -11.63 9.41
C TRP A 301 21.76 -12.70 9.16
N SER A 302 21.58 -13.91 9.66
N SER A 302 21.55 -13.91 9.68
CA SER A 302 22.61 -14.94 9.48
CA SER A 302 22.51 -14.99 9.52
C SER A 302 22.43 -15.75 8.20
C SER A 302 22.49 -15.60 8.12
N ASP A 303 21.38 -15.49 7.41
CA ASP A 303 21.29 -16.07 6.08
C ASP A 303 20.44 -15.13 5.23
N PHE A 304 20.98 -13.96 4.93
CA PHE A 304 20.13 -12.93 4.36
C PHE A 304 19.59 -13.32 3.00
N ASP A 305 20.48 -13.74 2.10
CA ASP A 305 20.11 -14.11 0.72
C ASP A 305 19.20 -15.33 0.72
N GLY A 306 19.42 -16.30 1.59
CA GLY A 306 18.60 -17.51 1.56
C GLY A 306 17.19 -17.25 2.03
N LEU A 307 17.04 -16.47 3.09
N LEU A 307 17.05 -16.43 3.06
CA LEU A 307 15.70 -16.18 3.61
CA LEU A 307 15.76 -16.13 3.67
C LEU A 307 14.98 -15.03 2.94
C LEU A 307 15.03 -14.94 3.07
N ALA A 308 15.70 -14.15 2.24
CA ALA A 308 15.06 -12.93 1.73
C ALA A 308 13.77 -13.16 0.98
N PRO A 309 13.65 -14.12 0.07
CA PRO A 309 12.35 -14.24 -0.64
C PRO A 309 11.18 -14.47 0.30
N THR A 310 11.30 -15.41 1.23
CA THR A 310 10.22 -15.65 2.19
C THR A 310 10.08 -14.52 3.19
N ALA A 311 11.19 -13.91 3.58
CA ALA A 311 11.14 -12.86 4.59
C ALA A 311 10.36 -11.66 4.09
N VAL A 312 10.65 -11.21 2.86
CA VAL A 312 9.93 -10.08 2.26
C VAL A 312 8.43 -10.39 2.17
N GLU A 313 8.08 -11.59 1.74
CA GLU A 313 6.64 -11.91 1.63
C GLU A 313 5.98 -11.95 3.00
N GLU A 314 6.69 -12.46 4.02
CA GLU A 314 6.09 -12.46 5.36
C GLU A 314 5.91 -11.04 5.88
N ILE A 315 6.85 -10.15 5.59
CA ILE A 315 6.67 -8.75 5.99
C ILE A 315 5.41 -8.18 5.35
N VAL A 316 5.17 -8.48 4.06
CA VAL A 316 4.00 -7.96 3.38
C VAL A 316 2.73 -8.56 3.99
N ARG A 317 2.71 -9.88 4.25
CA ARG A 317 1.55 -10.50 4.90
C ARG A 317 1.28 -9.85 6.25
N TRP A 318 2.35 -9.69 7.03
CA TRP A 318 2.23 -9.19 8.40
C TRP A 318 1.73 -7.74 8.37
N ALA A 319 2.29 -6.90 7.50
CA ALA A 319 1.98 -5.48 7.48
C ALA A 319 0.67 -5.19 6.78
N SER A 320 0.27 -6.03 5.79
CA SER A 320 -0.84 -5.73 4.89
C SER A 320 -0.99 -4.23 4.63
N PRO A 321 -0.02 -3.65 3.92
CA PRO A 321 0.03 -2.18 3.76
C PRO A 321 -1.20 -1.57 3.16
N VAL A 322 -1.88 -2.31 2.30
CA VAL A 322 -3.18 -1.91 1.75
C VAL A 322 -4.24 -2.75 2.48
N VAL A 323 -5.05 -2.07 3.26
CA VAL A 323 -5.95 -2.78 4.19
C VAL A 323 -7.06 -3.53 3.44
N TYR A 324 -7.65 -2.88 2.45
CA TYR A 324 -8.75 -3.42 1.69
C TYR A 324 -8.76 -2.78 0.31
N MET A 325 -9.55 -3.37 -0.58
CA MET A 325 -9.98 -2.70 -1.80
C MET A 325 -11.48 -2.97 -1.98
N ARG A 326 -12.17 -2.05 -2.65
N ARG A 326 -12.17 -2.07 -2.65
CA ARG A 326 -13.59 -2.17 -2.92
CA ARG A 326 -13.60 -2.20 -2.87
C ARG A 326 -13.84 -2.67 -4.34
C ARG A 326 -13.89 -2.58 -4.32
N ARG A 327 -15.01 -3.31 -4.51
CA ARG A 327 -15.55 -3.67 -5.80
C ARG A 327 -17.03 -3.34 -5.77
N THR A 328 -17.66 -3.40 -6.95
CA THR A 328 -19.08 -3.13 -7.09
C THR A 328 -19.69 -4.27 -7.89
N LEU A 329 -20.77 -4.86 -7.38
CA LEU A 329 -21.33 -6.03 -8.04
C LEU A 329 -22.04 -5.63 -9.34
N THR A 330 -21.84 -6.43 -10.39
CA THR A 330 -22.57 -6.22 -11.65
C THR A 330 -23.77 -7.13 -11.79
N GLN A 331 -23.93 -8.06 -10.86
CA GLN A 331 -25.04 -9.00 -10.84
C GLN A 331 -25.28 -9.42 -9.39
N ASP A 332 -26.49 -9.93 -9.11
CA ASP A 332 -26.76 -10.48 -7.79
C ASP A 332 -25.91 -11.72 -7.58
N ILE A 333 -25.42 -11.91 -6.36
N ILE A 333 -25.39 -11.88 -6.37
CA ILE A 333 -24.71 -13.11 -5.99
CA ILE A 333 -24.61 -13.06 -6.00
C ILE A 333 -25.17 -13.55 -4.60
C ILE A 333 -24.85 -13.38 -4.54
N GLU A 334 -24.67 -14.70 -4.17
N GLU A 334 -24.86 -14.68 -4.22
CA GLU A 334 -24.90 -15.23 -2.83
CA GLU A 334 -24.88 -15.15 -2.84
C GLU A 334 -23.60 -15.92 -2.41
C GLU A 334 -23.52 -15.77 -2.51
N LEU A 335 -22.97 -15.40 -1.36
CA LEU A 335 -21.74 -15.96 -0.81
C LEU A 335 -21.99 -16.23 0.66
N ARG A 336 -21.61 -17.43 1.11
CA ARG A 336 -21.76 -17.81 2.53
C ARG A 336 -23.18 -17.59 3.03
N GLY A 337 -24.16 -17.82 2.16
CA GLY A 337 -25.53 -17.65 2.52
C GLY A 337 -26.00 -16.22 2.61
N THR A 338 -25.16 -15.25 2.24
CA THR A 338 -25.53 -13.84 2.20
C THR A 338 -25.79 -13.42 0.77
N LYS A 339 -27.01 -12.99 0.51
CA LYS A 339 -27.37 -12.50 -0.81
C LYS A 339 -27.01 -11.02 -0.91
N MET A 340 -26.25 -10.71 -1.95
CA MET A 340 -25.79 -9.36 -2.26
C MET A 340 -26.31 -8.99 -3.65
N ALA A 341 -26.63 -7.73 -3.84
CA ALA A 341 -27.39 -7.33 -5.02
C ALA A 341 -26.49 -6.62 -6.03
N ALA A 342 -26.85 -6.73 -7.32
CA ALA A 342 -26.21 -5.92 -8.34
C ALA A 342 -26.21 -4.45 -7.92
N GLY A 343 -25.06 -3.82 -8.03
CA GLY A 343 -24.90 -2.44 -7.64
C GLY A 343 -24.36 -2.23 -6.25
N ASP A 344 -24.38 -3.25 -5.40
CA ASP A 344 -23.87 -3.12 -4.03
C ASP A 344 -22.35 -3.05 -4.01
N LYS A 345 -21.82 -2.30 -3.05
CA LYS A 345 -20.39 -2.26 -2.78
C LYS A 345 -19.98 -3.46 -1.95
N VAL A 346 -18.79 -3.97 -2.26
CA VAL A 346 -18.18 -5.10 -1.58
C VAL A 346 -16.75 -4.69 -1.23
N SER A 347 -16.37 -4.84 0.05
CA SER A 347 -15.02 -4.52 0.49
C SER A 347 -14.26 -5.83 0.76
N LEU A 348 -13.03 -5.87 0.27
N LEU A 348 -13.01 -5.86 0.31
CA LEU A 348 -12.17 -7.05 0.34
CA LEU A 348 -12.18 -7.06 0.36
C LEU A 348 -11.11 -6.73 1.38
C LEU A 348 -11.04 -6.81 1.33
N TRP A 349 -11.13 -7.41 2.54
CA TRP A 349 -10.27 -7.05 3.68
C TRP A 349 -9.02 -7.91 3.66
N TYR A 350 -8.01 -7.45 2.93
CA TYR A 350 -6.74 -8.17 2.87
C TYR A 350 -6.13 -8.35 4.26
N CYS A 351 -6.26 -7.34 5.11
CA CYS A 351 -5.72 -7.41 6.45
C CYS A 351 -6.25 -8.61 7.20
N SER A 352 -7.51 -8.96 6.95
CA SER A 352 -8.20 -10.09 7.55
C SER A 352 -7.91 -11.40 6.82
N ALA A 353 -7.88 -11.38 5.48
CA ALA A 353 -7.50 -12.57 4.73
C ALA A 353 -6.15 -13.08 5.21
N ASN A 354 -5.26 -12.15 5.50
CA ASN A 354 -3.89 -12.44 5.87
C ASN A 354 -3.74 -12.88 7.33
N ARG A 355 -4.86 -13.09 8.04
CA ARG A 355 -4.84 -13.73 9.35
C ARG A 355 -5.84 -14.88 9.43
N ASP A 356 -6.37 -15.33 8.30
CA ASP A 356 -7.42 -16.36 8.28
C ASP A 356 -6.85 -17.74 8.56
N GLU A 357 -7.27 -18.31 9.67
CA GLU A 357 -6.83 -19.64 10.12
C GLU A 357 -7.20 -20.75 9.14
N SER A 358 -8.21 -20.54 8.30
CA SER A 358 -8.59 -21.51 7.28
C SER A 358 -7.53 -21.65 6.21
N LYS A 359 -6.69 -20.63 6.05
CA LYS A 359 -5.61 -20.65 5.07
C LYS A 359 -4.23 -20.72 5.69
N PHE A 360 -4.02 -20.05 6.83
CA PHE A 360 -2.75 -20.01 7.55
C PHE A 360 -2.99 -20.66 8.92
N ALA A 361 -2.34 -21.80 9.17
CA ALA A 361 -2.63 -22.52 10.41
C ALA A 361 -2.11 -21.77 11.64
N ASP A 362 -1.02 -21.04 11.49
CA ASP A 362 -0.39 -20.28 12.56
C ASP A 362 -0.32 -18.82 12.14
N PRO A 363 -1.47 -18.18 11.93
CA PRO A 363 -1.46 -16.82 11.35
C PRO A 363 -0.85 -15.77 12.23
N TRP A 364 -0.79 -16.00 13.54
CA TRP A 364 -0.31 -15.03 14.50
C TRP A 364 1.19 -15.17 14.72
N THR A 365 1.84 -16.05 13.98
CA THR A 365 3.30 -16.21 14.05
C THR A 365 3.90 -15.44 12.89
N PHE A 366 4.86 -14.57 13.23
CA PHE A 366 5.65 -13.82 12.26
C PHE A 366 6.85 -14.70 11.95
N ASP A 367 6.86 -15.32 10.78
CA ASP A 367 7.80 -16.39 10.46
C ASP A 367 8.45 -16.05 9.11
N LEU A 368 9.67 -15.55 9.16
CA LEU A 368 10.34 -15.08 7.95
C LEU A 368 10.74 -16.21 7.01
N ALA A 369 10.61 -17.47 7.45
CA ALA A 369 10.79 -18.66 6.63
C ALA A 369 9.47 -19.20 6.09
N ARG A 370 8.36 -18.52 6.36
CA ARG A 370 7.04 -19.11 6.00
C ARG A 370 7.00 -19.54 4.54
N ASN A 371 6.61 -20.78 4.33
CA ASN A 371 6.53 -21.35 2.99
C ASN A 371 5.59 -22.53 3.01
N PRO A 372 4.55 -22.57 2.17
CA PRO A 372 4.15 -21.52 1.24
C PRO A 372 3.58 -20.31 2.01
N ASN A 373 3.36 -19.23 1.27
CA ASN A 373 2.81 -18.01 1.85
C ASN A 373 1.90 -17.36 0.85
N PRO A 374 0.66 -17.82 0.78
CA PRO A 374 -0.27 -17.35 -0.25
C PRO A 374 -1.01 -16.09 0.15
N HIS A 375 -0.28 -15.19 0.81
CA HIS A 375 -0.88 -13.95 1.30
C HIS A 375 -1.44 -13.10 0.16
N LEU A 376 -2.45 -12.31 0.54
CA LEU A 376 -3.11 -11.41 -0.39
C LEU A 376 -2.72 -9.94 -0.17
N GLY A 377 -1.52 -9.68 0.35
CA GLY A 377 -1.04 -8.31 0.52
C GLY A 377 -0.96 -7.49 -0.76
N PHE A 378 -0.67 -8.15 -1.90
CA PHE A 378 -0.69 -7.53 -3.22
C PHE A 378 -2.01 -7.77 -3.94
N GLY A 379 -3.04 -8.20 -3.21
CA GLY A 379 -4.34 -8.55 -3.73
C GLY A 379 -4.50 -10.06 -3.89
N GLY A 380 -5.66 -10.44 -4.38
CA GLY A 380 -6.05 -11.82 -4.61
C GLY A 380 -5.58 -12.42 -5.90
N GLY A 381 -4.90 -11.65 -6.72
CA GLY A 381 -4.52 -12.09 -8.04
C GLY A 381 -5.51 -11.64 -9.07
N GLY A 382 -5.19 -11.92 -10.32
CA GLY A 382 -6.07 -11.56 -11.41
C GLY A 382 -5.73 -10.25 -12.06
N ALA A 383 -6.74 -9.59 -12.61
CA ALA A 383 -6.53 -8.52 -13.58
C ALA A 383 -5.79 -7.33 -13.00
N HIS A 384 -6.02 -7.00 -11.73
CA HIS A 384 -5.42 -5.82 -11.13
C HIS A 384 -4.27 -6.15 -10.21
N PHE A 385 -3.76 -7.37 -10.23
CA PHE A 385 -2.67 -7.71 -9.34
C PHE A 385 -1.58 -6.63 -9.36
N CYS A 386 -1.14 -6.25 -8.17
CA CYS A 386 -0.23 -5.14 -7.99
C CYS A 386 0.82 -5.06 -9.09
N LEU A 387 0.78 -3.97 -9.85
CA LEU A 387 1.73 -3.72 -10.91
C LEU A 387 3.14 -3.59 -10.35
N GLY A 388 3.26 -3.01 -9.18
CA GLY A 388 4.51 -2.74 -8.53
C GLY A 388 5.06 -3.85 -7.65
N ALA A 389 4.53 -5.07 -7.70
CA ALA A 389 4.92 -6.08 -6.72
C ALA A 389 6.41 -6.42 -6.83
N ASN A 390 6.95 -6.58 -8.04
CA ASN A 390 8.37 -6.89 -8.19
C ASN A 390 9.23 -5.74 -7.68
N LEU A 391 8.85 -4.51 -8.04
CA LEU A 391 9.51 -3.32 -7.56
C LEU A 391 9.50 -3.25 -6.03
N ALA A 392 8.32 -3.45 -5.41
CA ALA A 392 8.19 -3.36 -3.96
C ALA A 392 9.05 -4.41 -3.26
N ARG A 393 9.04 -5.65 -3.77
CA ARG A 393 9.86 -6.70 -3.15
C ARG A 393 11.33 -6.34 -3.20
N ARG A 394 11.79 -5.77 -4.31
CA ARG A 394 13.18 -5.40 -4.40
C ARG A 394 13.50 -4.24 -3.45
N GLU A 395 12.63 -3.25 -3.38
CA GLU A 395 12.85 -2.11 -2.49
C GLU A 395 12.97 -2.59 -1.05
N ILE A 396 12.07 -3.49 -0.64
CA ILE A 396 12.09 -4.03 0.72
C ILE A 396 13.37 -4.79 0.97
N ARG A 397 13.69 -5.73 0.07
N ARG A 397 13.68 -5.76 0.10
CA ARG A 397 14.87 -6.57 0.26
CA ARG A 397 14.88 -6.55 0.28
C ARG A 397 16.12 -5.71 0.41
C ARG A 397 16.09 -5.66 0.47
N VAL A 398 16.28 -4.69 -0.43
CA VAL A 398 17.49 -3.87 -0.38
C VAL A 398 17.50 -3.01 0.87
N ALA A 399 16.34 -2.45 1.25
CA ALA A 399 16.31 -1.68 2.48
C ALA A 399 16.81 -2.50 3.67
N PHE A 400 16.32 -3.73 3.82
CA PHE A 400 16.71 -4.51 4.99
C PHE A 400 18.15 -4.97 4.88
N ASP A 401 18.64 -5.23 3.66
N ASP A 401 18.64 -5.24 3.67
CA ASP A 401 20.03 -5.64 3.49
CA ASP A 401 20.04 -5.66 3.53
C ASP A 401 20.97 -4.53 3.90
C ASP A 401 20.98 -4.51 3.92
N GLU A 402 20.64 -3.29 3.53
CA GLU A 402 21.50 -2.14 3.88
C GLU A 402 21.45 -1.89 5.39
N LEU A 403 20.30 -2.05 6.02
CA LEU A 403 20.23 -1.96 7.49
C LEU A 403 21.07 -3.03 8.14
N ARG A 404 20.92 -4.27 7.67
CA ARG A 404 21.71 -5.39 8.19
C ARG A 404 23.18 -5.08 8.08
N ARG A 405 23.61 -4.60 6.93
CA ARG A 405 25.05 -4.43 6.71
C ARG A 405 25.62 -3.27 7.52
N GLN A 406 24.90 -2.14 7.62
N GLN A 406 24.88 -2.15 7.65
CA GLN A 406 25.44 -0.92 8.23
CA GLN A 406 25.44 -0.91 8.19
C GLN A 406 25.08 -0.71 9.70
C GLN A 406 25.02 -0.58 9.63
N MET A 407 23.87 -1.10 10.10
CA MET A 407 23.42 -0.89 11.47
C MET A 407 22.58 -2.08 11.91
N PRO A 408 23.22 -3.25 12.07
CA PRO A 408 22.42 -4.49 12.21
C PRO A 408 21.50 -4.55 13.41
N ASP A 409 21.78 -3.81 14.47
CA ASP A 409 20.96 -3.83 15.67
C ASP A 409 19.92 -2.72 15.69
N VAL A 410 19.62 -2.09 14.55
CA VAL A 410 18.62 -1.01 14.50
C VAL A 410 17.33 -1.50 15.08
N VAL A 411 16.76 -0.71 15.96
CA VAL A 411 15.59 -1.16 16.71
C VAL A 411 14.70 0.04 17.02
N ALA A 412 13.39 -0.20 16.99
CA ALA A 412 12.46 0.84 17.41
C ALA A 412 12.60 1.15 18.89
N THR A 413 12.48 2.44 19.22
CA THR A 413 12.56 2.89 20.60
C THR A 413 11.25 3.47 21.12
N GLU A 414 10.30 3.71 20.24
CA GLU A 414 8.95 4.10 20.62
C GLU A 414 7.98 3.28 19.77
N GLU A 415 6.78 3.08 20.32
CA GLU A 415 5.72 2.54 19.48
C GLU A 415 5.41 3.55 18.38
N PRO A 416 4.99 3.07 17.19
CA PRO A 416 4.81 3.98 16.06
C PRO A 416 3.66 4.96 16.28
N ALA A 417 3.78 6.12 15.65
CA ALA A 417 2.63 6.99 15.46
C ALA A 417 1.89 6.46 14.26
N ARG A 418 0.65 6.03 14.43
N ARG A 418 0.66 6.00 14.45
CA ARG A 418 -0.05 5.28 13.39
CA ARG A 418 -0.06 5.30 13.39
C ARG A 418 -0.97 6.21 12.60
C ARG A 418 -0.91 6.28 12.59
N LEU A 419 -0.93 6.07 11.26
CA LEU A 419 -1.82 6.85 10.42
C LEU A 419 -3.27 6.50 10.72
N LEU A 420 -4.11 7.50 10.86
CA LEU A 420 -5.54 7.26 11.01
C LEU A 420 -6.13 7.01 9.61
N SER A 421 -6.32 5.75 9.25
CA SER A 421 -6.82 5.42 7.91
C SER A 421 -7.50 4.06 7.90
N GLN A 422 -8.59 3.95 7.14
CA GLN A 422 -9.26 2.67 6.89
C GLN A 422 -8.62 1.91 5.73
N PHE A 423 -7.84 2.60 4.92
CA PHE A 423 -7.40 2.06 3.64
C PHE A 423 -5.92 1.67 3.64
N ILE A 424 -5.10 2.39 4.40
CA ILE A 424 -3.65 2.27 4.38
C ILE A 424 -3.17 2.00 5.79
N HIS A 425 -2.38 0.94 5.97
CA HIS A 425 -1.86 0.58 7.28
C HIS A 425 -0.56 1.37 7.52
N GLY A 426 -0.71 2.66 7.73
CA GLY A 426 0.40 3.57 7.70
C GLY A 426 1.06 3.79 9.05
N ILE A 427 2.37 3.98 8.99
CA ILE A 427 3.13 4.48 10.12
C ILE A 427 3.70 5.83 9.74
N LYS A 428 3.38 6.85 10.54
CA LYS A 428 3.82 8.21 10.23
C LYS A 428 5.27 8.43 10.66
N THR A 429 5.63 7.93 11.85
CA THR A 429 6.97 8.05 12.43
C THR A 429 7.26 6.79 13.23
N LEU A 430 8.53 6.39 13.19
CA LEU A 430 9.03 5.26 13.97
C LEU A 430 10.42 5.60 14.46
N PRO A 431 10.53 6.10 15.69
CA PRO A 431 11.86 6.36 16.25
C PRO A 431 12.65 5.06 16.34
N VAL A 432 13.91 5.10 15.88
CA VAL A 432 14.82 3.98 15.99
C VAL A 432 16.17 4.45 16.53
N THR A 433 16.95 3.48 17.02
CA THR A 433 18.32 3.68 17.45
C THR A 433 19.14 2.46 17.01
N TRP A 434 20.45 2.58 17.15
CA TRP A 434 21.42 1.56 16.76
C TRP A 434 22.66 1.86 17.58
N SER A 435 23.58 0.90 17.62
CA SER A 435 24.78 1.10 18.42
C SER A 435 25.93 1.56 17.55
CHA HEM B . -2.47 -2.32 -7.16
CHB HEM B . -0.64 -3.55 -2.82
CHC HEM B . 3.59 -1.42 -4.03
CHD HEM B . 1.60 0.12 -8.18
C1A HEM B . -2.33 -2.88 -5.87
C2A HEM B . -3.38 -3.56 -5.14
C3A HEM B . -2.85 -3.88 -3.92
C4A HEM B . -1.51 -3.41 -3.89
CMA HEM B . -3.51 -4.63 -2.78
CAA HEM B . -4.76 -3.91 -5.65
CBA HEM B . -4.69 -5.31 -6.30
CGA HEM B . -6.05 -5.80 -6.78
O1A HEM B . -7.01 -4.98 -6.92
O2A HEM B . -6.18 -7.01 -7.08
C1B HEM B . 0.67 -3.06 -2.77
C2B HEM B . 1.54 -3.24 -1.66
C3B HEM B . 2.76 -2.67 -1.95
C4B HEM B . 2.60 -2.13 -3.32
CMB HEM B . 1.17 -3.97 -0.39
CAB HEM B . 4.02 -2.58 -1.17
CBB HEM B . 4.48 -3.58 -0.39
C1C HEM B . 3.43 -0.75 -5.24
C2C HEM B . 4.44 -0.01 -5.90
C3C HEM B . 3.84 0.46 -7.06
C4C HEM B . 2.50 -0.07 -7.11
CMC HEM B . 5.86 0.26 -5.35
CAC HEM B . 4.55 1.34 -8.06
CBC HEM B . 4.00 2.35 -8.75
C1D HEM B . 0.33 -0.44 -8.25
C2D HEM B . -0.60 -0.16 -9.36
C3D HEM B . -1.76 -0.82 -9.09
C4D HEM B . -1.50 -1.52 -7.79
CMD HEM B . -0.36 0.75 -10.55
CAD HEM B . -3.01 -0.88 -9.96
CBD HEM B . -2.87 -2.10 -10.91
CGD HEM B . -4.03 -2.28 -11.86
O1D HEM B . -5.09 -1.66 -11.61
O2D HEM B . -3.92 -3.07 -12.84
NA HEM B . -1.21 -2.77 -5.06
NB HEM B . 1.30 -2.35 -3.74
NC HEM B . 2.29 -0.79 -5.98
ND HEM B . -0.23 -1.23 -7.29
FE HEM B . 0.62 -2.03 -5.65
C7 VD3 C . -12.01 8.22 -3.85
C8 VD3 C . -10.87 7.65 -4.58
C9 VD3 C . -9.60 8.07 -4.42
C10 VD3 C . -9.15 9.21 -3.50
C11 VD3 C . -7.74 8.98 -2.91
C12 VD3 C . -6.75 8.39 -3.91
C13 VD3 C . -7.30 7.11 -4.51
C14 VD3 C . -8.58 7.43 -5.29
C15 VD3 C . -8.99 6.23 -6.13
C16 VD3 C . -7.60 5.72 -6.55
C17 VD3 C . -6.60 6.61 -5.78
C18 VD3 C . -7.48 6.00 -3.46
C20 VD3 C . -5.15 6.06 -5.57
C21 VD3 C . -4.24 6.47 -6.72
C22 VD3 C . -5.04 4.54 -5.60
C23 VD3 C . -3.80 4.05 -4.83
C24 VD3 C . -3.62 2.54 -4.89
C25 VD3 C . -2.46 2.04 -4.07
C26 VD3 C . -2.75 2.15 -2.59
C27 VD3 C . -2.15 0.56 -4.37
MG MG D . 15.69 11.38 -14.18
MG MG E . 15.64 13.38 14.37
C1 PGE F . -16.27 -12.74 -13.32
O1 PGE F . -15.07 -12.64 -14.09
C2 PGE F . -16.99 -14.06 -13.52
C3 PGE G . -18.12 -16.48 -13.40
C4 PGE G . -18.93 -17.28 -12.38
O3 PGE G . -20.23 -16.71 -12.23
#